data_6XJ8
#
_entry.id   6XJ8
#
_cell.length_a   56.599
_cell.length_b   59.360
_cell.length_c   77.620
_cell.angle_alpha   90.000
_cell.angle_beta   90.000
_cell.angle_gamma   90.000
#
_symmetry.space_group_name_H-M   'P 2 21 21'
#
loop_
_entity.id
_entity.type
_entity.pdbx_description
1 polymer 'Carbapenem-hydrolyzing beta-lactamase KPC'
2 non-polymer '(2R)-2-[(2S,3R)-1,3-bis(oxidanyl)-1-oxidanylidene-butan-2-yl]-4-(2-methanimidamidoethylsulfanyl)-2,3-dihydro-1H-pyrrole -5-carboxylic acid'
3 water water
#
_entity_poly.entity_id   1
_entity_poly.type   'polypeptide(L)'
_entity_poly.pdbx_seq_one_letter_code
;MSLYRRLVLLSCLSWPLAGFSATALTNLVAEPFAKLEQDFGGSIGVYAMDTGSGATVSYRAEERFPLCSSFKGFLAAAVL
ARSQQQAGLLDTPIRYGKNALVPWSPISEKYLTTGMTVAELSAAAVQYSDNAAANLLLKELGGPAGLTAFMRSIGDTTFR
LDRWELELASAIPGDARDTSSPRAVTESLQKLTLGSALAAPQRQQFVDWLKGNTTGNHRIRAAVPADWAVGDKTGTCGVY
GTANDYAVVWPTGRAPIVLAVYTRAPNKDDKHSEAVIAAAARLALEGLGVNGQ
;
_entity_poly.pdbx_strand_id   A
#
loop_
_chem_comp.id
_chem_comp.type
_chem_comp.name
_chem_comp.formula
8YF non-polymer '(2R)-2-[(2S,3R)-1,3-bis(oxidanyl)-1-oxidanylidene-butan-2-yl]-4-(2-methanimidamidoethylsulfanyl)-2,3-dihydro-1H-pyrrole -5-carboxylic acid' 'C12 H19 N3 O5 S'
#
# COMPACT_ATOMS: atom_id res chain seq x y z
N THR A 26 -14.38 7.12 16.52
CA THR A 26 -13.97 8.08 15.51
C THR A 26 -13.84 9.46 16.17
N ASN A 27 -14.76 9.76 17.08
CA ASN A 27 -14.66 10.95 17.90
C ASN A 27 -13.85 10.73 19.18
N LEU A 28 -13.66 9.48 19.59
CA LEU A 28 -12.82 9.18 20.75
C LEU A 28 -11.36 9.50 20.49
N VAL A 29 -10.98 9.64 19.22
CA VAL A 29 -9.60 9.84 18.82
C VAL A 29 -9.40 11.10 18.00
N ALA A 30 -10.46 11.89 17.79
CA ALA A 30 -10.35 13.06 16.93
C ALA A 30 -9.31 14.05 17.44
N GLU A 31 -9.31 14.31 18.75
CA GLU A 31 -8.38 15.30 19.31
C GLU A 31 -6.97 14.71 19.50
N PRO A 32 -6.81 13.44 19.90
CA PRO A 32 -5.46 12.83 19.85
C PRO A 32 -4.83 12.87 18.46
N PHE A 33 -5.61 12.63 17.40
CA PHE A 33 -5.07 12.68 16.05
C PHE A 33 -4.64 14.09 15.68
N ALA A 34 -5.50 15.09 15.95
CA ALA A 34 -5.17 16.47 15.65
C ALA A 34 -3.88 16.91 16.33
N LYS A 35 -3.63 16.40 17.53
CA LYS A 35 -2.38 16.74 18.22
C LYS A 35 -1.20 16.04 17.58
N LEU A 36 -1.35 14.76 17.25
CA LEU A 36 -0.25 14.01 16.64
C LEU A 36 0.22 14.69 15.36
N GLU A 37 -0.71 15.19 14.56
CA GLU A 37 -0.30 15.84 13.32
C GLU A 37 0.21 17.25 13.53
N GLN A 38 -0.13 17.90 14.65
CA GLN A 38 0.51 19.18 14.96
C GLN A 38 1.97 18.96 15.36
N ASP A 39 2.26 17.91 16.12
CA ASP A 39 3.66 17.58 16.40
C ASP A 39 4.41 17.19 15.13
N PHE A 40 3.73 16.46 14.22
CA PHE A 40 4.36 16.08 12.96
C PHE A 40 4.62 17.29 12.07
N GLY A 41 3.70 18.26 12.09
CA GLY A 41 3.82 19.44 11.24
C GLY A 41 3.27 19.28 9.84
N GLY A 42 2.56 18.19 9.58
CA GLY A 42 1.94 17.96 8.28
C GLY A 42 0.49 17.55 8.47
N SER A 43 0.07 16.60 7.64
CA SER A 43 -1.30 16.12 7.63
C SER A 43 -1.26 14.60 7.65
N ILE A 44 -2.19 14.02 8.41
CA ILE A 44 -2.26 12.57 8.60
C ILE A 44 -3.66 12.12 8.23
N GLY A 45 -3.75 11.16 7.32
CA GLY A 45 -5.02 10.55 6.95
C GLY A 45 -5.05 9.09 7.37
N VAL A 46 -6.10 8.73 8.11
CA VAL A 46 -6.27 7.38 8.66
C VAL A 46 -7.69 6.91 8.38
N TYR A 47 -7.82 5.68 7.90
CA TYR A 47 -9.08 4.97 7.92
C TYR A 47 -8.81 3.56 8.41
N ALA A 48 -9.58 3.12 9.40
CA ALA A 48 -9.48 1.77 9.93
C ALA A 48 -10.88 1.17 10.03
N MET A 49 -11.00 -0.12 9.71
N MET A 49 -11.00 -0.12 9.72
CA MET A 49 -12.27 -0.82 9.78
CA MET A 49 -12.29 -0.79 9.81
C MET A 49 -12.12 -2.12 10.55
C MET A 49 -12.14 -2.12 10.52
N ASP A 50 -13.03 -2.37 11.48
CA ASP A 50 -13.12 -3.63 12.19
C ASP A 50 -14.04 -4.52 11.37
N THR A 51 -13.51 -5.62 10.82
CA THR A 51 -14.34 -6.43 9.93
C THR A 51 -15.44 -7.18 10.69
N GLY A 52 -15.32 -7.30 12.01
CA GLY A 52 -16.34 -7.93 12.82
C GLY A 52 -17.56 -7.04 12.99
N SER A 53 -17.47 -6.09 13.93
CA SER A 53 -18.59 -5.19 14.18
C SER A 53 -18.88 -4.28 12.99
N GLY A 54 -17.92 -4.08 12.11
CA GLY A 54 -18.07 -3.03 11.13
C GLY A 54 -17.77 -1.65 11.66
N ALA A 55 -17.22 -1.54 12.85
CA ALA A 55 -16.86 -0.24 13.40
C ALA A 55 -15.73 0.37 12.57
N THR A 56 -15.77 1.69 12.36
CA THR A 56 -14.73 2.36 11.60
C THR A 56 -14.21 3.55 12.39
N VAL A 57 -12.98 3.94 12.08
CA VAL A 57 -12.37 5.14 12.63
C VAL A 57 -11.77 5.94 11.48
N SER A 58 -12.10 7.22 11.42
CA SER A 58 -11.92 7.99 10.20
C SER A 58 -11.33 9.36 10.56
N TYR A 59 -10.12 9.64 10.09
CA TYR A 59 -9.52 10.96 10.25
C TYR A 59 -8.88 11.35 8.93
N ARG A 60 -9.35 12.46 8.36
CA ARG A 60 -8.92 12.91 7.03
C ARG A 60 -8.94 11.76 6.04
N ALA A 61 -9.97 10.90 6.15
CA ALA A 61 -10.00 9.63 5.42
C ALA A 61 -10.38 9.79 3.96
N GLU A 62 -11.01 10.91 3.61
CA GLU A 62 -11.44 11.17 2.23
C GLU A 62 -10.54 12.17 1.52
N GLU A 63 -9.52 12.71 2.20
CA GLU A 63 -8.53 13.55 1.54
C GLU A 63 -7.62 12.70 0.67
N ARG A 64 -7.14 13.28 -0.42
CA ARG A 64 -6.19 12.60 -1.28
C ARG A 64 -4.79 12.74 -0.71
N PHE A 65 -4.08 11.62 -0.72
CA PHE A 65 -2.67 11.59 -0.34
C PHE A 65 -1.92 10.90 -1.45
N PRO A 66 -0.67 11.28 -1.69
CA PRO A 66 0.13 10.56 -2.68
C PRO A 66 0.29 9.09 -2.29
N LEU A 67 0.16 8.21 -3.29
CA LEU A 67 0.30 6.79 -3.03
C LEU A 67 1.74 6.39 -2.79
N CYS A 68 2.69 7.06 -3.43
CA CYS A 68 4.08 6.61 -3.36
C CYS A 68 4.09 5.12 -3.76
N SER A 69 5.05 4.36 -3.24
CA SER A 69 5.16 2.95 -3.61
C SER A 69 3.97 2.11 -3.19
N SER A 70 3.01 2.68 -2.44
CA SER A 70 1.96 1.80 -1.93
C SER A 70 1.06 1.27 -3.05
N PHE A 71 1.12 1.86 -4.24
CA PHE A 71 0.40 1.28 -5.38
C PHE A 71 0.92 -0.12 -5.71
N LYS A 72 2.13 -0.46 -5.30
CA LYS A 72 2.69 -1.76 -5.70
C LYS A 72 1.88 -2.93 -5.15
N GLY A 73 1.29 -2.80 -3.97
CA GLY A 73 0.41 -3.86 -3.49
C GLY A 73 -0.76 -4.09 -4.42
N PHE A 74 -1.42 -3.00 -4.85
CA PHE A 74 -2.53 -3.15 -5.77
C PHE A 74 -2.05 -3.62 -7.15
N LEU A 75 -0.86 -3.21 -7.56
CA LEU A 75 -0.24 -3.78 -8.75
C LEU A 75 -0.22 -5.31 -8.70
N ALA A 76 0.30 -5.88 -7.61
CA ALA A 76 0.37 -7.34 -7.51
C ALA A 76 -1.02 -7.96 -7.53
N ALA A 77 -1.97 -7.33 -6.85
CA ALA A 77 -3.35 -7.82 -6.88
C ALA A 77 -3.90 -7.80 -8.30
N ALA A 78 -3.61 -6.73 -9.04
CA ALA A 78 -4.04 -6.67 -10.43
C ALA A 78 -3.43 -7.79 -11.24
N VAL A 79 -2.16 -8.10 -10.97
CA VAL A 79 -1.49 -9.19 -11.68
C VAL A 79 -2.14 -10.52 -11.31
N LEU A 80 -2.37 -10.74 -10.01
CA LEU A 80 -3.05 -11.95 -9.56
C LEU A 80 -4.41 -12.11 -10.23
N ALA A 81 -5.16 -11.02 -10.34
CA ALA A 81 -6.46 -11.06 -11.00
C ALA A 81 -6.32 -11.60 -12.43
N ARG A 82 -5.39 -11.04 -13.20
CA ARG A 82 -5.32 -11.53 -14.57
C ARG A 82 -4.68 -12.91 -14.67
N SER A 83 -4.02 -13.39 -13.60
CA SER A 83 -3.58 -14.79 -13.66
C SER A 83 -4.74 -15.76 -13.53
N GLN A 84 -5.94 -15.27 -13.19
CA GLN A 84 -7.14 -16.09 -13.23
C GLN A 84 -7.63 -16.34 -14.65
N GLN A 85 -7.24 -15.48 -15.59
CA GLN A 85 -7.58 -15.64 -17.00
C GLN A 85 -6.44 -16.27 -17.81
N GLN A 86 -5.20 -15.94 -17.49
CA GLN A 86 -4.03 -16.46 -18.18
C GLN A 86 -3.32 -17.46 -17.27
N ALA A 87 -3.54 -18.75 -17.52
CA ALA A 87 -2.76 -19.76 -16.82
C ALA A 87 -1.31 -19.60 -17.19
N GLY A 88 -0.43 -19.80 -16.22
CA GLY A 88 1.00 -19.67 -16.45
C GLY A 88 1.54 -18.27 -16.42
N LEU A 89 0.69 -17.26 -16.22
CA LEU A 89 1.19 -15.89 -16.15
C LEU A 89 2.25 -15.76 -15.06
N LEU A 90 1.94 -16.25 -13.86
CA LEU A 90 2.81 -15.99 -12.71
C LEU A 90 4.19 -16.63 -12.88
N ASP A 91 4.31 -17.70 -13.66
CA ASP A 91 5.58 -18.37 -13.88
C ASP A 91 6.23 -17.97 -15.21
N THR A 92 5.65 -17.00 -15.91
CA THR A 92 6.26 -16.48 -17.12
C THR A 92 7.58 -15.79 -16.80
N PRO A 93 8.66 -16.14 -17.49
CA PRO A 93 9.92 -15.42 -17.27
C PRO A 93 9.89 -14.07 -17.95
N ILE A 94 10.48 -13.08 -17.29
CA ILE A 94 10.58 -11.74 -17.82
C ILE A 94 12.06 -11.38 -17.90
N ARG A 95 12.50 -10.96 -19.09
CA ARG A 95 13.89 -10.55 -19.31
C ARG A 95 13.96 -9.04 -19.46
N TYR A 96 15.04 -8.44 -18.95
CA TYR A 96 15.12 -7.00 -18.96
C TYR A 96 16.57 -6.56 -19.02
N GLY A 97 16.76 -5.34 -19.49
CA GLY A 97 18.09 -4.78 -19.64
C GLY A 97 18.47 -3.85 -18.51
N LYS A 98 19.74 -3.46 -18.55
CA LYS A 98 20.29 -2.52 -17.57
C LYS A 98 19.46 -1.25 -17.54
N ASN A 99 18.97 -0.80 -18.70
CA ASN A 99 18.19 0.43 -18.75
C ASN A 99 16.90 0.29 -17.96
N ALA A 100 16.47 -0.92 -17.65
CA ALA A 100 15.27 -1.08 -16.82
C ALA A 100 15.54 -0.84 -15.34
N LEU A 101 16.81 -0.74 -14.92
CA LEU A 101 17.15 -0.68 -13.51
C LEU A 101 17.10 0.76 -13.01
N VAL A 102 15.99 1.11 -12.38
CA VAL A 102 15.72 2.41 -11.76
C VAL A 102 16.32 2.43 -10.36
N PRO A 103 16.65 3.59 -9.79
CA PRO A 103 17.11 3.61 -8.39
C PRO A 103 16.17 2.85 -7.47
N TRP A 104 16.78 2.16 -6.50
CA TRP A 104 16.10 1.21 -5.60
C TRP A 104 15.40 0.10 -6.38
N SER A 105 16.22 -0.80 -6.90
CA SER A 105 15.75 -2.07 -7.46
C SER A 105 16.53 -3.20 -6.79
N PRO A 106 16.35 -3.39 -5.48
CA PRO A 106 17.30 -4.21 -4.71
C PRO A 106 17.27 -5.68 -5.08
N ILE A 107 16.15 -6.19 -5.58
CA ILE A 107 16.05 -7.59 -6.00
C ILE A 107 16.35 -7.73 -7.49
N SER A 108 15.73 -6.89 -8.32
CA SER A 108 15.84 -7.07 -9.77
C SER A 108 17.26 -6.78 -10.27
N GLU A 109 18.02 -5.94 -9.56
CA GLU A 109 19.42 -5.76 -9.90
C GLU A 109 20.22 -7.05 -9.72
N LYS A 110 19.76 -7.98 -8.87
CA LYS A 110 20.50 -9.21 -8.63
C LYS A 110 20.21 -10.27 -9.67
N TYR A 111 19.12 -10.13 -10.41
CA TYR A 111 18.74 -11.11 -11.43
C TYR A 111 18.82 -10.53 -12.84
N LEU A 112 19.51 -9.41 -13.02
CA LEU A 112 19.57 -8.75 -14.32
C LEU A 112 20.07 -9.68 -15.42
N THR A 113 21.14 -10.42 -15.15
CA THR A 113 21.71 -11.30 -16.16
C THR A 113 20.94 -12.59 -16.34
N THR A 114 19.87 -12.82 -15.56
CA THR A 114 19.08 -14.05 -15.66
C THR A 114 17.59 -13.80 -15.92
N GLY A 115 17.04 -12.68 -15.47
CA GLY A 115 15.61 -12.45 -15.56
C GLY A 115 14.88 -13.05 -14.38
N MET A 116 13.56 -12.88 -14.39
CA MET A 116 12.71 -13.10 -13.24
C MET A 116 11.33 -13.50 -13.72
N THR A 117 10.66 -14.34 -12.94
CA THR A 117 9.28 -14.66 -13.25
C THR A 117 8.35 -13.52 -12.81
N VAL A 118 7.16 -13.49 -13.39
CA VAL A 118 6.15 -12.51 -13.01
C VAL A 118 5.86 -12.59 -11.51
N ALA A 119 5.83 -13.80 -10.95
CA ALA A 119 5.55 -13.95 -9.52
C ALA A 119 6.70 -13.41 -8.68
N GLU A 120 7.93 -13.63 -9.14
CA GLU A 120 9.10 -13.11 -8.45
C GLU A 120 9.14 -11.59 -8.53
N LEU A 121 8.78 -11.02 -9.68
CA LEU A 121 8.72 -9.56 -9.79
C LEU A 121 7.62 -8.98 -8.90
N SER A 122 6.46 -9.64 -8.86
CA SER A 122 5.37 -9.19 -8.01
C SER A 122 5.77 -9.23 -6.55
N ALA A 123 6.39 -10.33 -6.13
CA ALA A 123 6.86 -10.43 -4.75
C ALA A 123 7.88 -9.35 -4.43
N ALA A 124 8.80 -9.10 -5.38
CA ALA A 124 9.83 -8.09 -5.15
C ALA A 124 9.21 -6.70 -4.99
N ALA A 125 8.20 -6.39 -5.83
CA ALA A 125 7.54 -5.11 -5.75
C ALA A 125 6.84 -4.93 -4.40
N VAL A 126 6.21 -5.99 -3.90
CA VAL A 126 5.47 -5.89 -2.65
C VAL A 126 6.42 -5.91 -1.45
N GLN A 127 7.36 -6.86 -1.42
CA GLN A 127 8.14 -7.11 -0.22
C GLN A 127 9.40 -6.28 -0.11
N TYR A 128 9.94 -5.77 -1.22
CA TYR A 128 11.09 -4.88 -1.19
C TYR A 128 10.82 -3.53 -1.84
N SER A 129 9.59 -3.33 -2.33
CA SER A 129 9.20 -2.11 -3.02
C SER A 129 10.19 -1.85 -4.17
N ASP A 130 10.49 -2.92 -4.91
CA ASP A 130 11.43 -2.89 -6.02
C ASP A 130 10.86 -2.06 -7.19
N ASN A 131 11.57 -1.01 -7.61
CA ASN A 131 11.00 -0.08 -8.59
C ASN A 131 11.07 -0.63 -10.02
N ALA A 132 12.18 -1.26 -10.39
CA ALA A 132 12.23 -1.86 -11.72
C ALA A 132 11.18 -2.96 -11.85
N ALA A 133 11.03 -3.81 -10.82
CA ALA A 133 10.00 -4.84 -10.87
C ALA A 133 8.63 -4.23 -11.07
N ALA A 134 8.35 -3.14 -10.34
CA ALA A 134 7.07 -2.45 -10.47
C ALA A 134 6.83 -1.97 -11.89
N ASN A 135 7.81 -1.26 -12.46
CA ASN A 135 7.66 -0.73 -13.81
C ASN A 135 7.52 -1.83 -14.85
N LEU A 136 8.27 -2.94 -14.68
CA LEU A 136 8.06 -4.08 -15.57
C LEU A 136 6.63 -4.62 -15.48
N LEU A 137 6.10 -4.73 -14.25
CA LEU A 137 4.74 -5.25 -14.09
C LEU A 137 3.70 -4.24 -14.60
N LEU A 138 3.95 -2.95 -14.42
CA LEU A 138 3.06 -1.93 -14.97
C LEU A 138 2.95 -2.05 -16.48
N LYS A 139 4.08 -2.29 -17.15
CA LYS A 139 4.07 -2.44 -18.60
C LYS A 139 3.15 -3.57 -19.01
N GLU A 140 3.23 -4.71 -18.31
CA GLU A 140 2.43 -5.88 -18.66
C GLU A 140 0.95 -5.58 -18.57
N LEU A 141 0.56 -4.71 -17.64
CA LEU A 141 -0.84 -4.38 -17.38
C LEU A 141 -1.36 -3.22 -18.20
N GLY A 142 -0.55 -2.67 -19.09
CA GLY A 142 -0.97 -1.48 -19.81
C GLY A 142 -0.73 -0.18 -19.07
N GLY A 143 0.30 -0.12 -18.23
CA GLY A 143 0.74 1.10 -17.61
C GLY A 143 -0.24 1.62 -16.58
N PRO A 144 0.00 2.84 -16.09
CA PRO A 144 -0.85 3.40 -15.02
C PRO A 144 -2.33 3.34 -15.32
N ALA A 145 -2.74 3.55 -16.58
CA ALA A 145 -4.16 3.45 -16.89
C ALA A 145 -4.67 2.03 -16.70
N GLY A 146 -3.84 1.02 -16.98
CA GLY A 146 -4.26 -0.35 -16.77
C GLY A 146 -4.51 -0.66 -15.30
N LEU A 147 -3.59 -0.24 -14.42
CA LEU A 147 -3.80 -0.46 -13.01
C LEU A 147 -5.03 0.29 -12.52
N THR A 148 -5.17 1.56 -12.92
CA THR A 148 -6.38 2.31 -12.57
C THR A 148 -7.61 1.59 -13.06
N ALA A 149 -7.55 1.00 -14.26
CA ALA A 149 -8.70 0.28 -14.79
C ALA A 149 -9.04 -0.90 -13.88
N PHE A 150 -8.03 -1.63 -13.40
CA PHE A 150 -8.29 -2.72 -12.46
C PHE A 150 -9.00 -2.21 -11.22
N MET A 151 -8.52 -1.10 -10.66
CA MET A 151 -9.11 -0.64 -9.41
C MET A 151 -10.57 -0.23 -9.62
N ARG A 152 -10.89 0.37 -10.77
CA ARG A 152 -12.30 0.66 -11.08
C ARG A 152 -13.13 -0.61 -11.14
N SER A 153 -12.52 -1.72 -11.56
CA SER A 153 -13.32 -2.93 -11.76
C SER A 153 -13.72 -3.57 -10.44
N ILE A 154 -13.04 -3.24 -9.33
CA ILE A 154 -13.43 -3.74 -8.02
C ILE A 154 -14.23 -2.69 -7.24
N GLY A 155 -14.63 -1.58 -7.89
CA GLY A 155 -15.47 -0.60 -7.25
C GLY A 155 -14.75 0.58 -6.61
N ASP A 156 -13.44 0.75 -6.87
CA ASP A 156 -12.68 1.89 -6.35
C ASP A 156 -12.67 3.01 -7.39
N THR A 157 -13.40 4.09 -7.12
CA THR A 157 -13.46 5.23 -8.02
C THR A 157 -12.52 6.37 -7.62
N THR A 158 -11.79 6.21 -6.52
CA THR A 158 -10.88 7.24 -6.00
C THR A 158 -9.46 7.07 -6.53
N PHE A 159 -8.95 5.84 -6.48
CA PHE A 159 -7.58 5.53 -6.90
C PHE A 159 -7.30 6.11 -8.27
N ARG A 160 -6.14 6.75 -8.41
CA ARG A 160 -5.61 7.02 -9.75
C ARG A 160 -4.10 6.89 -9.73
N LEU A 161 -3.57 6.11 -10.67
CA LEU A 161 -2.16 6.12 -10.98
C LEU A 161 -2.01 6.79 -12.34
N ASP A 162 -1.04 7.70 -12.45
CA ASP A 162 -0.85 8.47 -13.68
C ASP A 162 0.54 8.32 -14.28
N ARG A 163 1.56 7.95 -13.51
CA ARG A 163 2.95 8.02 -13.95
C ARG A 163 3.66 6.75 -13.53
N TRP A 164 4.94 6.63 -13.89
CA TRP A 164 5.75 5.47 -13.54
C TRP A 164 6.72 5.81 -12.40
N GLU A 165 7.37 4.78 -11.83
CA GLU A 165 8.49 5.04 -10.92
C GLU A 165 9.66 5.58 -11.73
N LEU A 166 10.32 6.62 -11.23
CA LEU A 166 10.13 7.26 -9.94
C LEU A 166 9.35 8.57 -10.06
N GLU A 167 8.91 8.92 -11.27
CA GLU A 167 8.20 10.20 -11.47
C GLU A 167 6.93 10.28 -10.63
N LEU A 168 6.30 9.15 -10.35
CA LEU A 168 5.03 9.19 -9.64
C LEU A 168 5.17 9.74 -8.22
N ALA A 169 6.39 9.85 -7.70
CA ALA A 169 6.61 10.11 -6.28
C ALA A 169 6.90 11.58 -5.99
N SER A 170 6.54 12.50 -6.91
CA SER A 170 6.84 13.92 -6.70
C SER A 170 6.09 14.48 -5.49
N ALA A 171 4.88 13.99 -5.21
CA ALA A 171 4.15 14.36 -3.97
C ALA A 171 3.86 15.86 -3.90
N ILE A 172 3.58 16.46 -5.05
CA ILE A 172 3.38 17.91 -5.11
C ILE A 172 2.10 18.28 -4.38
N PRO A 173 2.13 19.29 -3.50
CA PRO A 173 0.90 19.70 -2.80
C PRO A 173 -0.21 20.12 -3.76
N GLY A 174 -1.38 19.49 -3.61
CA GLY A 174 -2.53 19.77 -4.43
C GLY A 174 -2.64 18.94 -5.70
N ASP A 175 -1.59 18.22 -6.09
CA ASP A 175 -1.58 17.39 -7.30
C ASP A 175 -2.35 16.11 -7.04
N ALA A 176 -3.43 15.89 -7.80
CA ALA A 176 -4.23 14.67 -7.69
C ALA A 176 -3.57 13.44 -8.35
N ARG A 177 -2.57 13.62 -9.20
CA ARG A 177 -1.96 12.48 -9.86
C ARG A 177 -1.33 11.53 -8.84
N ASP A 178 -1.56 10.23 -9.04
CA ASP A 178 -0.87 9.19 -8.27
C ASP A 178 -1.24 9.28 -6.79
N THR A 179 -2.52 9.52 -6.53
CA THR A 179 -3.06 9.63 -5.19
C THR A 179 -4.26 8.70 -5.02
N SER A 180 -4.62 8.49 -3.75
CA SER A 180 -5.92 7.95 -3.37
C SER A 180 -6.26 8.53 -2.00
N SER A 181 -7.34 8.02 -1.36
CA SER A 181 -7.68 8.40 0.01
C SER A 181 -7.45 7.22 0.95
N PRO A 182 -7.20 7.46 2.24
CA PRO A 182 -7.07 6.33 3.19
C PRO A 182 -8.28 5.41 3.16
N ARG A 183 -9.48 5.95 3.02
CA ARG A 183 -10.69 5.13 3.05
C ARG A 183 -10.80 4.26 1.81
N ALA A 184 -10.55 4.85 0.63
CA ALA A 184 -10.54 4.05 -0.59
C ALA A 184 -9.48 2.97 -0.50
N VAL A 185 -8.30 3.32 -0.02
CA VAL A 185 -7.23 2.34 0.12
C VAL A 185 -7.70 1.20 1.02
N THR A 186 -8.21 1.53 2.19
CA THR A 186 -8.67 0.51 3.13
C THR A 186 -9.76 -0.35 2.51
N GLU A 187 -10.75 0.29 1.85
CA GLU A 187 -11.85 -0.47 1.28
C GLU A 187 -11.39 -1.38 0.16
N SER A 188 -10.46 -0.91 -0.68
CA SER A 188 -9.97 -1.78 -1.74
C SER A 188 -9.17 -2.94 -1.16
N LEU A 189 -8.39 -2.68 -0.10
CA LEU A 189 -7.56 -3.71 0.49
C LEU A 189 -8.42 -4.82 1.10
N GLN A 190 -9.47 -4.43 1.84
CA GLN A 190 -10.40 -5.41 2.40
C GLN A 190 -11.03 -6.27 1.31
N LYS A 191 -11.43 -5.66 0.19
CA LYS A 191 -12.01 -6.44 -0.89
C LYS A 191 -11.02 -7.47 -1.45
N LEU A 192 -9.75 -7.10 -1.55
CA LEU A 192 -8.78 -7.97 -2.20
C LEU A 192 -8.20 -9.00 -1.24
N THR A 193 -8.06 -8.66 0.05
CA THR A 193 -7.48 -9.58 1.02
C THR A 193 -8.53 -10.45 1.71
N LEU A 194 -9.74 -9.96 1.88
CA LEU A 194 -10.72 -10.68 2.69
C LEU A 194 -12.03 -10.89 1.95
N GLY A 195 -12.39 -9.95 1.07
CA GLY A 195 -13.61 -10.08 0.28
C GLY A 195 -13.43 -11.00 -0.90
N SER A 196 -14.27 -10.78 -1.91
CA SER A 196 -14.37 -11.66 -3.07
C SER A 196 -13.82 -11.05 -4.36
N ALA A 197 -12.99 -10.00 -4.27
CA ALA A 197 -12.44 -9.42 -5.49
C ALA A 197 -11.46 -10.36 -6.18
N LEU A 198 -10.77 -11.20 -5.41
CA LEU A 198 -9.85 -12.20 -5.94
C LEU A 198 -10.39 -13.59 -5.63
N ALA A 199 -10.19 -14.53 -6.56
CA ALA A 199 -10.46 -15.92 -6.26
C ALA A 199 -9.60 -16.38 -5.08
N ALA A 200 -10.09 -17.39 -4.36
CA ALA A 200 -9.45 -17.79 -3.11
C ALA A 200 -7.98 -18.19 -3.24
N PRO A 201 -7.52 -18.89 -4.29
CA PRO A 201 -6.08 -19.11 -4.42
C PRO A 201 -5.29 -17.82 -4.56
N GLN A 202 -5.76 -16.91 -5.42
CA GLN A 202 -5.07 -15.64 -5.63
C GLN A 202 -5.08 -14.80 -4.36
N ARG A 203 -6.23 -14.73 -3.70
CA ARG A 203 -6.38 -13.94 -2.48
C ARG A 203 -5.38 -14.38 -1.41
N GLN A 204 -5.21 -15.70 -1.26
CA GLN A 204 -4.25 -16.19 -0.28
C GLN A 204 -2.83 -15.84 -0.68
N GLN A 205 -2.51 -15.97 -1.98
CA GLN A 205 -1.21 -15.53 -2.48
C GLN A 205 -0.97 -14.06 -2.21
N PHE A 206 -1.99 -13.22 -2.49
CA PHE A 206 -1.85 -11.79 -2.22
C PHE A 206 -1.53 -11.56 -0.76
N VAL A 207 -2.30 -12.17 0.14
CA VAL A 207 -2.07 -12.02 1.58
C VAL A 207 -0.66 -12.49 1.95
N ASP A 208 -0.20 -13.60 1.37
CA ASP A 208 1.12 -14.11 1.72
C ASP A 208 2.22 -13.13 1.31
N TRP A 209 2.12 -12.55 0.11
CA TRP A 209 3.12 -11.55 -0.30
C TRP A 209 3.18 -10.40 0.68
N LEU A 210 2.01 -9.88 1.09
CA LEU A 210 1.98 -8.78 2.04
C LEU A 210 2.55 -9.19 3.39
N LYS A 211 2.23 -10.41 3.86
CA LYS A 211 2.78 -10.87 5.13
C LYS A 211 4.30 -10.97 5.09
N GLY A 212 4.88 -11.28 3.94
CA GLY A 212 6.33 -11.28 3.81
C GLY A 212 6.97 -9.93 3.52
N ASN A 213 6.24 -8.82 3.61
CA ASN A 213 6.82 -7.51 3.37
C ASN A 213 7.98 -7.24 4.33
N THR A 214 9.07 -6.68 3.82
CA THR A 214 10.25 -6.44 4.66
C THR A 214 10.46 -4.97 5.01
N THR A 215 9.67 -4.05 4.47
CA THR A 215 9.93 -2.63 4.62
C THR A 215 9.07 -1.96 5.69
N GLY A 216 8.17 -2.69 6.32
CA GLY A 216 7.22 -2.04 7.21
C GLY A 216 7.40 -2.25 8.70
N ASN A 217 8.62 -2.58 9.15
CA ASN A 217 8.85 -2.95 10.54
C ASN A 217 8.65 -1.78 11.51
N HIS A 218 8.81 -0.54 11.03
CA HIS A 218 8.75 0.63 11.90
C HIS A 218 7.47 1.43 11.73
N ARG A 219 6.47 0.85 11.07
CA ARG A 219 5.24 1.56 10.78
C ARG A 219 4.12 0.79 11.44
N ILE A 220 3.17 0.25 10.66
CA ILE A 220 1.99 -0.34 11.28
C ILE A 220 2.38 -1.54 12.14
N ARG A 221 3.32 -2.36 11.66
CA ARG A 221 3.81 -3.49 12.45
C ARG A 221 4.28 -3.07 13.84
N ALA A 222 4.85 -1.87 13.96
CA ALA A 222 5.38 -1.43 15.25
C ALA A 222 4.27 -1.16 16.26
N ALA A 223 3.05 -0.93 15.80
CA ALA A 223 1.89 -0.75 16.65
C ALA A 223 1.22 -2.07 17.00
N VAL A 224 1.80 -3.19 16.58
CA VAL A 224 1.15 -4.50 16.57
C VAL A 224 1.92 -5.43 17.50
N PRO A 225 1.26 -6.09 18.45
CA PRO A 225 1.94 -7.06 19.32
C PRO A 225 2.45 -8.26 18.54
N ALA A 226 3.41 -8.96 19.14
CA ALA A 226 4.13 -10.03 18.46
C ALA A 226 3.19 -11.14 17.98
N ASP A 227 2.17 -11.47 18.77
CA ASP A 227 1.36 -12.65 18.49
C ASP A 227 0.27 -12.39 17.45
N TRP A 228 0.31 -11.28 16.71
CA TRP A 228 -0.68 -10.97 15.69
C TRP A 228 -0.09 -11.14 14.31
N ALA A 229 -0.88 -11.70 13.40
CA ALA A 229 -0.48 -11.77 12.01
C ALA A 229 -0.76 -10.43 11.33
N VAL A 230 0.13 -10.04 10.43
CA VAL A 230 0.04 -8.74 9.77
C VAL A 230 0.73 -8.79 8.41
N GLY A 231 0.04 -8.27 7.40
CA GLY A 231 0.63 -8.02 6.10
C GLY A 231 0.44 -6.56 5.72
N ASP A 232 1.49 -5.90 5.24
CA ASP A 232 1.39 -4.50 4.89
C ASP A 232 2.13 -4.21 3.58
N LYS A 233 1.92 -2.99 3.09
CA LYS A 233 2.73 -2.41 2.02
C LYS A 233 2.95 -0.94 2.35
N THR A 234 4.22 -0.52 2.29
CA THR A 234 4.61 0.83 2.63
C THR A 234 4.74 1.70 1.38
N GLY A 235 4.86 3.00 1.61
CA GLY A 235 5.16 3.97 0.58
C GLY A 235 5.98 5.07 1.19
N THR A 236 6.98 5.56 0.47
CA THR A 236 7.86 6.60 1.00
C THR A 236 8.28 7.48 -0.18
N CYS A 237 7.48 8.53 -0.44
CA CYS A 237 7.93 9.52 -1.40
C CYS A 237 9.15 10.27 -0.86
N GLY A 238 9.22 10.49 0.45
CA GLY A 238 10.34 11.21 1.02
C GLY A 238 10.14 12.71 1.01
N VAL A 239 9.98 13.30 -0.18
CA VAL A 239 9.73 14.72 -0.27
C VAL A 239 8.38 15.05 0.37
N TYR A 240 8.22 16.31 0.77
CA TYR A 240 6.94 16.81 1.31
C TYR A 240 6.43 15.92 2.43
N GLY A 241 7.35 15.47 3.29
CA GLY A 241 7.07 14.59 4.42
C GLY A 241 6.03 13.53 4.14
N THR A 242 6.11 12.91 2.97
CA THR A 242 5.07 11.99 2.49
C THR A 242 5.52 10.55 2.62
N ALA A 243 4.81 9.78 3.44
CA ALA A 243 5.04 8.35 3.57
C ALA A 243 3.73 7.72 3.96
N ASN A 244 3.67 6.40 3.89
CA ASN A 244 2.41 5.75 4.19
C ASN A 244 2.65 4.27 4.48
N ASP A 245 1.55 3.59 4.82
CA ASP A 245 1.52 2.17 5.12
C ASP A 245 0.07 1.73 5.24
N TYR A 246 -0.31 0.67 4.54
CA TYR A 246 -1.61 0.04 4.73
C TYR A 246 -1.40 -1.42 5.07
N ALA A 247 -2.39 -1.99 5.78
CA ALA A 247 -2.17 -3.29 6.41
C ALA A 247 -3.49 -3.98 6.73
N VAL A 248 -3.49 -5.29 6.61
CA VAL A 248 -4.50 -6.14 7.21
C VAL A 248 -3.89 -6.78 8.44
N VAL A 249 -4.59 -6.67 9.58
CA VAL A 249 -4.09 -7.11 10.87
C VAL A 249 -5.05 -8.16 11.41
N TRP A 250 -4.51 -9.29 11.88
CA TRP A 250 -5.31 -10.38 12.44
C TRP A 250 -5.05 -10.53 13.92
N PRO A 251 -5.81 -9.85 14.79
CA PRO A 251 -5.69 -10.12 16.23
C PRO A 251 -6.06 -11.57 16.52
N THR A 252 -5.50 -12.09 17.60
CA THR A 252 -6.00 -13.35 18.13
C THR A 252 -7.35 -13.10 18.78
N GLY A 253 -8.36 -13.86 18.36
CA GLY A 253 -9.62 -13.85 19.06
C GLY A 253 -10.64 -12.84 18.62
N ARG A 254 -10.40 -12.12 17.53
CA ARG A 254 -11.44 -11.27 16.95
C ARG A 254 -11.22 -11.23 15.43
N ALA A 255 -12.04 -10.44 14.74
CA ALA A 255 -11.95 -10.40 13.29
C ALA A 255 -10.75 -9.55 12.88
N PRO A 256 -10.25 -9.74 11.65
CA PRO A 256 -9.14 -8.88 11.19
C PRO A 256 -9.54 -7.42 11.09
N ILE A 257 -8.56 -6.55 11.31
CA ILE A 257 -8.66 -5.10 11.13
C ILE A 257 -7.97 -4.72 9.82
N VAL A 258 -8.58 -3.83 9.05
CA VAL A 258 -7.94 -3.29 7.86
C VAL A 258 -7.75 -1.80 8.10
N LEU A 259 -6.59 -1.28 7.70
CA LEU A 259 -6.34 0.14 7.95
C LEU A 259 -5.30 0.69 6.97
N ALA A 260 -5.37 2.00 6.80
CA ALA A 260 -4.46 2.75 5.96
C ALA A 260 -4.01 4.01 6.72
N VAL A 261 -2.71 4.28 6.70
CA VAL A 261 -2.18 5.50 7.31
C VAL A 261 -1.29 6.21 6.29
N TYR A 262 -1.67 7.43 5.92
CA TYR A 262 -0.97 8.24 4.93
C TYR A 262 -0.61 9.58 5.55
N THR A 263 0.56 10.10 5.18
CA THR A 263 0.98 11.42 5.65
C THR A 263 1.51 12.26 4.49
N ARG A 264 1.49 13.57 4.71
CA ARG A 264 2.11 14.55 3.81
C ARG A 264 2.32 15.81 4.63
N ALA A 265 3.07 16.76 4.05
CA ALA A 265 3.51 17.96 4.75
C ALA A 265 3.72 19.05 3.71
N PRO A 266 3.62 20.34 4.11
CA PRO A 266 3.54 21.40 3.11
C PRO A 266 4.85 21.75 2.41
N ASN A 267 6.02 21.48 3.02
CA ASN A 267 7.29 21.93 2.47
C ASN A 267 8.03 20.76 1.85
N LYS A 268 8.71 21.02 0.73
CA LYS A 268 9.35 19.91 0.01
C LYS A 268 10.39 19.21 0.88
N ASP A 269 11.14 19.95 1.70
CA ASP A 269 12.18 19.38 2.55
C ASP A 269 11.67 18.88 3.89
N ASP A 270 10.37 18.97 4.17
CA ASP A 270 9.83 18.33 5.36
C ASP A 270 10.12 16.83 5.35
N LYS A 271 10.45 16.29 6.51
CA LYS A 271 10.79 14.88 6.65
C LYS A 271 9.58 14.06 7.05
N HIS A 272 9.45 12.87 6.47
CA HIS A 272 8.44 11.94 6.91
C HIS A 272 8.89 11.30 8.21
N SER A 273 7.96 10.62 8.89
CA SER A 273 8.24 10.04 10.20
C SER A 273 7.59 8.66 10.28
N GLU A 274 8.41 7.61 10.38
CA GLU A 274 7.87 6.29 10.60
C GLU A 274 7.17 6.21 11.96
N ALA A 275 7.72 6.88 12.96
CA ALA A 275 7.11 6.87 14.29
C ALA A 275 5.72 7.49 14.27
N VAL A 276 5.51 8.51 13.43
CA VAL A 276 4.20 9.14 13.36
C VAL A 276 3.19 8.16 12.77
N ILE A 277 3.61 7.38 11.78
CA ILE A 277 2.73 6.38 11.17
C ILE A 277 2.36 5.32 12.17
N ALA A 278 3.36 4.79 12.88
CA ALA A 278 3.11 3.82 13.94
C ALA A 278 2.16 4.38 14.98
N ALA A 279 2.35 5.65 15.35
CA ALA A 279 1.53 6.27 16.39
C ALA A 279 0.08 6.45 15.94
N ALA A 280 -0.12 6.77 14.66
CA ALA A 280 -1.49 6.84 14.14
C ALA A 280 -2.13 5.47 14.07
N ALA A 281 -1.35 4.44 13.76
CA ALA A 281 -1.87 3.07 13.80
C ALA A 281 -2.35 2.69 15.19
N ARG A 282 -1.57 3.04 16.22
CA ARG A 282 -1.98 2.75 17.60
C ARG A 282 -3.28 3.47 17.93
N LEU A 283 -3.37 4.75 17.60
CA LEU A 283 -4.58 5.52 17.88
C LEU A 283 -5.79 4.93 17.18
N ALA A 284 -5.60 4.44 15.95
CA ALA A 284 -6.71 3.82 15.21
C ALA A 284 -7.13 2.51 15.87
N LEU A 285 -6.17 1.71 16.32
CA LEU A 285 -6.53 0.46 16.99
C LEU A 285 -7.19 0.74 18.32
N GLU A 286 -6.65 1.70 19.09
CA GLU A 286 -7.30 2.09 20.34
C GLU A 286 -8.67 2.68 20.09
N GLY A 287 -8.84 3.41 18.99
CA GLY A 287 -10.15 3.95 18.66
C GLY A 287 -11.16 2.87 18.37
N LEU A 288 -10.74 1.78 17.72
CA LEU A 288 -11.65 0.69 17.43
C LEU A 288 -11.89 -0.21 18.65
N GLY A 289 -11.13 -0.05 19.73
CA GLY A 289 -11.21 -0.95 20.85
C GLY A 289 -10.14 -2.04 20.84
N VAL A 290 -8.90 -1.64 20.54
CA VAL A 290 -7.70 -2.49 20.45
C VAL A 290 -8.00 -3.91 19.96
C62 8YF B . 12.65 5.60 -3.81
C61 8YF B . 11.17 5.38 -4.04
O62 8YF B . 10.97 4.42 -5.04
C6 8YF B . 10.42 4.89 -2.75
C7 8YF B . 8.91 5.26 -2.97
O71 8YF B . 8.57 5.82 -4.05
O72 8YF B . 8.04 5.00 -2.10
C5 8YF B . 10.52 3.35 -2.62
C1 8YF B . 11.78 2.90 -1.85
N4 8YF B . 9.42 2.85 -1.78
C3 8YF B . 9.84 2.94 -0.51
C31 8YF B . 9.04 2.35 0.64
O31 8YF B . 9.22 2.79 1.80
O32 8YF B . 8.23 1.41 0.46
C2 8YF B . 11.31 2.67 -0.59
S21 8YF B . 12.34 3.00 0.87
C22 8YF B . 12.21 1.47 1.85
C23 8YF B . 13.10 1.58 3.08
N24 8YF B . 12.66 0.74 4.20
C25 8YF B . 13.43 0.61 5.30
N26 8YF B . 13.06 -0.10 6.27
#